data_7WNR
#
_entry.id   7WNR
#
loop_
_entity.id
_entity.type
_entity.pdbx_description
1 polymer "DNA (5'-D(P*CP*CP*GP*GP*TP*TP*AP*TP*AP*CP*TP*AP*TP*CP*TP*GP*TP*A)-3')"
2 polymer "DNA (5'-D(P*TP*AP*CP*AP*GP*AP*TP*AP*GP*TP*AP*TP*AP*AP*CP*CP*GP*G)-3')"
3 polymer 'Antitoxin MazE6'
#
loop_
_entity_poly.entity_id
_entity_poly.type
_entity_poly.pdbx_seq_one_letter_code
_entity_poly.pdbx_strand_id
1 'polydeoxyribonucleotide' (DC)(DC)(DG)(DG)(DT)(DT)(DA)(DT)(DA)(DC)(DT)(DA)(DT)(DC)(DT)(DG)(DT)(DA) A
2 'polydeoxyribonucleotide' (DT)(DA)(DC)(DA)(DG)(DA)(DT)(DA)(DG)(DT)(DA)(DT)(DA)(DA)(DC)(DC)(DG)(DG) D
3 'polypeptide(L)' SGSMKTAISLPDETFDRVSRRASELGMSRSEFFTKAAQRYLHELDAQLLTGQ B,C
#
# COMPACT_ATOMS: atom_id res chain seq x y z
N MET C 4 1.51 -3.92 11.62
CA MET C 4 0.32 -4.72 11.94
C MET C 4 -0.69 -4.69 10.80
N LYS C 5 -1.70 -5.56 10.87
CA LYS C 5 -2.74 -5.63 9.85
C LYS C 5 -3.57 -4.35 9.81
N THR C 6 -3.95 -3.94 8.61
CA THR C 6 -4.74 -2.72 8.44
C THR C 6 -6.14 -3.04 7.93
N ALA C 7 -7.08 -2.17 8.26
CA ALA C 7 -8.47 -2.33 7.83
C ALA C 7 -8.96 -1.07 7.16
N ILE C 8 -9.14 -1.12 5.84
CA ILE C 8 -9.59 0.02 5.08
C ILE C 8 -11.06 -0.12 4.69
N SER C 9 -11.84 0.94 4.93
CA SER C 9 -13.26 0.95 4.61
C SER C 9 -13.48 1.31 3.14
N LEU C 10 -13.70 0.29 2.31
CA LEU C 10 -13.94 0.51 0.89
C LEU C 10 -15.35 0.08 0.50
N PRO C 11 -15.87 0.59 -0.64
CA PRO C 11 -17.22 0.24 -1.13
C PRO C 11 -17.32 -1.22 -1.57
N ASP C 12 -18.47 -1.57 -2.16
CA ASP C 12 -18.71 -2.93 -2.61
C ASP C 12 -18.22 -3.13 -4.05
N GLU C 13 -18.37 -2.10 -4.88
CA GLU C 13 -17.96 -2.15 -6.28
C GLU C 13 -16.44 -2.05 -6.40
N THR C 14 -15.84 -1.22 -5.55
CA THR C 14 -14.39 -1.03 -5.57
C THR C 14 -13.68 -2.27 -5.03
N PHE C 15 -14.27 -2.89 -4.02
CA PHE C 15 -13.70 -4.10 -3.41
C PHE C 15 -13.76 -5.27 -4.39
N ASP C 16 -14.77 -5.25 -5.26
CA ASP C 16 -14.93 -6.30 -6.28
C ASP C 16 -13.89 -6.13 -7.38
N ARG C 17 -13.51 -4.88 -7.63
CA ARG C 17 -12.52 -4.57 -8.66
C ARG C 17 -11.12 -4.89 -8.17
N VAL C 18 -10.85 -4.60 -6.89
CA VAL C 18 -9.55 -4.85 -6.29
C VAL C 18 -9.28 -6.35 -6.19
N SER C 19 -10.30 -7.11 -5.80
CA SER C 19 -10.19 -8.55 -5.67
C SER C 19 -10.14 -9.24 -7.03
N ARG C 20 -10.63 -8.56 -8.06
CA ARG C 20 -10.64 -9.11 -9.41
C ARG C 20 -9.29 -8.93 -10.08
N ARG C 21 -8.70 -7.75 -9.94
CA ARG C 21 -7.40 -7.47 -10.54
C ARG C 21 -6.27 -8.09 -9.71
N ALA C 22 -6.56 -8.41 -8.45
CA ALA C 22 -5.57 -9.03 -7.58
C ALA C 22 -5.43 -10.51 -7.94
N SER C 23 -6.55 -11.09 -8.38
CA SER C 23 -6.58 -12.50 -8.77
C SER C 23 -6.14 -12.64 -10.22
N GLU C 24 -6.29 -11.55 -10.98
CA GLU C 24 -5.91 -11.52 -12.39
C GLU C 24 -4.39 -11.41 -12.53
N LEU C 25 -3.77 -10.67 -11.61
CA LEU C 25 -2.33 -10.48 -11.61
C LEU C 25 -1.62 -11.69 -11.00
N GLY C 26 -2.33 -12.39 -10.10
CA GLY C 26 -1.76 -13.57 -9.46
C GLY C 26 -1.08 -13.25 -8.14
N MET C 27 -1.52 -12.16 -7.51
CA MET C 27 -0.96 -11.74 -6.23
C MET C 27 -2.03 -11.75 -5.13
N SER C 28 -1.63 -11.36 -3.93
CA SER C 28 -2.57 -11.29 -2.81
C SER C 28 -3.09 -9.87 -2.67
N ARG C 29 -3.83 -9.58 -1.61
CA ARG C 29 -4.34 -8.23 -1.39
C ARG C 29 -3.32 -7.40 -0.64
N SER C 30 -2.49 -8.06 0.16
CA SER C 30 -1.45 -7.40 0.93
C SER C 30 -0.26 -7.09 0.02
N GLU C 31 -0.03 -7.98 -0.95
CA GLU C 31 1.05 -7.81 -1.91
C GLU C 31 0.64 -6.81 -2.98
N PHE C 32 -0.67 -6.79 -3.28
CA PHE C 32 -1.22 -5.88 -4.27
C PHE C 32 -1.13 -4.44 -3.77
N PHE C 33 -1.33 -4.26 -2.47
CA PHE C 33 -1.28 -2.95 -1.85
C PHE C 33 0.16 -2.44 -1.78
N THR C 34 1.10 -3.37 -1.60
CA THR C 34 2.52 -3.02 -1.54
C THR C 34 3.03 -2.59 -2.90
N LYS C 35 2.57 -3.28 -3.95
CA LYS C 35 2.97 -2.99 -5.31
C LYS C 35 2.25 -1.74 -5.83
N ALA C 36 1.02 -1.53 -5.36
CA ALA C 36 0.22 -0.38 -5.76
C ALA C 36 0.60 0.87 -4.97
N ALA C 37 1.37 0.67 -3.90
CA ALA C 37 1.82 1.79 -3.08
C ALA C 37 3.09 2.38 -3.65
N GLN C 38 3.92 1.51 -4.25
CA GLN C 38 5.15 1.92 -4.88
C GLN C 38 4.85 2.42 -6.29
N ARG C 39 3.84 1.79 -6.91
CA ARG C 39 3.40 2.17 -8.25
C ARG C 39 2.59 3.45 -8.18
N TYR C 40 2.16 3.80 -6.96
CA TYR C 40 1.40 5.02 -6.72
C TYR C 40 2.33 6.21 -6.82
N LEU C 41 3.59 5.99 -6.43
CA LEU C 41 4.62 7.02 -6.47
C LEU C 41 5.15 7.14 -7.89
N HIS C 42 5.09 6.04 -8.62
CA HIS C 42 5.55 6.00 -10.01
C HIS C 42 4.53 6.67 -10.93
N GLU C 43 3.25 6.54 -10.57
CA GLU C 43 2.17 7.12 -11.34
C GLU C 43 2.04 8.61 -11.04
N LEU C 44 2.31 8.98 -9.79
CA LEU C 44 2.23 10.37 -9.35
C LEU C 44 3.38 11.18 -9.94
N ASP C 45 4.57 10.60 -9.93
CA ASP C 45 5.75 11.27 -10.47
C ASP C 45 5.68 11.38 -11.99
N ALA C 46 5.02 10.40 -12.61
CA ALA C 46 4.89 10.38 -14.07
C ALA C 46 3.82 11.36 -14.54
N GLN C 47 2.74 11.48 -13.77
CA GLN C 47 1.65 12.39 -14.12
C GLN C 47 2.05 13.85 -13.89
N LEU C 48 2.84 14.08 -12.84
CA LEU C 48 3.30 15.44 -12.52
C LEU C 48 4.36 15.90 -13.51
N LEU C 49 5.19 14.95 -13.98
CA LEU C 49 6.24 15.26 -14.93
C LEU C 49 5.67 15.51 -16.32
N THR C 50 4.60 14.79 -16.66
CA THR C 50 3.94 14.95 -17.95
C THR C 50 3.16 16.26 -18.02
N GLY C 51 2.69 16.71 -16.85
CA GLY C 51 1.92 17.94 -16.78
C GLY C 51 2.80 19.18 -16.83
N GLN C 52 4.11 18.99 -16.73
CA GLN C 52 5.06 20.10 -16.77
C GLN C 52 5.25 20.61 -18.20
N MET D 4 -17.97 -3.34 2.49
CA MET D 4 -17.03 -4.37 2.92
C MET D 4 -15.73 -3.75 3.42
N LYS D 5 -14.97 -4.53 4.18
CA LYS D 5 -13.70 -4.06 4.72
C LYS D 5 -12.53 -4.82 4.09
N THR D 6 -11.41 -4.12 3.92
CA THR D 6 -10.23 -4.74 3.32
C THR D 6 -9.25 -5.19 4.39
N ALA D 7 -8.58 -6.31 4.13
CA ALA D 7 -7.60 -6.86 5.07
C ALA D 7 -6.21 -6.82 4.46
N ILE D 8 -5.48 -5.74 4.75
CA ILE D 8 -4.13 -5.59 4.22
C ILE D 8 -3.10 -5.90 5.29
N SER D 9 -2.48 -7.07 5.20
CA SER D 9 -1.46 -7.47 6.17
C SER D 9 -0.13 -6.82 5.84
N LEU D 10 0.19 -5.74 6.55
CA LEU D 10 1.43 -5.02 6.34
C LEU D 10 2.32 -5.06 7.58
N PRO D 11 3.66 -5.20 7.39
CA PRO D 11 4.62 -5.23 8.50
C PRO D 11 4.80 -3.85 9.14
N ASP D 12 6.01 -3.58 9.63
CA ASP D 12 6.30 -2.28 10.26
C ASP D 12 6.95 -1.32 9.26
N GLU D 13 7.73 -1.85 8.33
CA GLU D 13 8.41 -1.03 7.33
C GLU D 13 7.43 -0.54 6.25
N THR D 14 6.60 -1.44 5.75
CA THR D 14 5.63 -1.11 4.72
C THR D 14 4.56 -0.16 5.24
N PHE D 15 4.12 -0.37 6.49
CA PHE D 15 3.10 0.48 7.09
C PHE D 15 3.61 1.90 7.32
N ASP D 16 4.90 2.00 7.67
CA ASP D 16 5.53 3.30 7.91
C ASP D 16 5.66 4.10 6.62
N ARG D 17 5.92 3.39 5.52
CA ARG D 17 6.08 4.03 4.22
C ARG D 17 4.73 4.42 3.63
N VAL D 18 3.69 3.62 3.90
CA VAL D 18 2.34 3.89 3.40
C VAL D 18 1.77 5.11 4.11
N SER D 19 2.04 5.23 5.41
CA SER D 19 1.56 6.35 6.21
C SER D 19 2.37 7.61 5.91
N ARG D 20 3.56 7.42 5.33
CA ARG D 20 4.42 8.55 4.98
C ARG D 20 3.97 9.19 3.67
N ARG D 21 3.66 8.36 2.68
CA ARG D 21 3.19 8.87 1.38
C ARG D 21 1.74 9.34 1.48
N ALA D 22 1.04 8.87 2.51
CA ALA D 22 -0.35 9.27 2.74
C ALA D 22 -0.38 10.67 3.34
N SER D 23 0.61 10.95 4.19
CA SER D 23 0.74 12.25 4.83
C SER D 23 1.37 13.24 3.86
N GLU D 24 2.10 12.71 2.87
CA GLU D 24 2.76 13.51 1.86
C GLU D 24 1.71 14.08 0.90
N LEU D 25 0.67 13.30 0.65
CA LEU D 25 -0.42 13.70 -0.24
C LEU D 25 -1.44 14.55 0.52
N GLY D 26 -1.54 14.31 1.83
CA GLY D 26 -2.47 15.07 2.65
C GLY D 26 -3.81 14.38 2.79
N MET D 27 -3.83 13.06 2.58
CA MET D 27 -5.07 12.29 2.69
C MET D 27 -4.92 11.14 3.69
N SER D 28 -6.01 10.41 3.91
CA SER D 28 -6.00 9.28 4.82
C SER D 28 -5.64 8.01 4.06
N ARG D 29 -5.61 6.88 4.76
CA ARG D 29 -5.29 5.60 4.12
C ARG D 29 -6.48 5.07 3.34
N SER D 30 -7.68 5.54 3.71
CA SER D 30 -8.90 5.14 3.03
C SER D 30 -8.97 5.78 1.65
N GLU D 31 -8.67 7.08 1.61
CA GLU D 31 -8.66 7.82 0.35
C GLU D 31 -7.39 7.51 -0.43
N PHE D 32 -6.38 7.01 0.29
CA PHE D 32 -5.11 6.64 -0.33
C PHE D 32 -5.30 5.42 -1.23
N PHE D 33 -6.11 4.47 -0.76
CA PHE D 33 -6.38 3.26 -1.53
C PHE D 33 -7.33 3.56 -2.69
N THR D 34 -8.22 4.53 -2.47
CA THR D 34 -9.17 4.93 -3.52
C THR D 34 -8.43 5.58 -4.69
N LYS D 35 -7.40 6.36 -4.36
CA LYS D 35 -6.59 7.03 -5.38
C LYS D 35 -5.48 6.12 -5.86
N ALA D 36 -5.11 5.11 -5.07
CA ALA D 36 -4.07 4.17 -5.45
C ALA D 36 -4.61 3.17 -6.45
N ALA D 37 -5.91 2.88 -6.34
CA ALA D 37 -6.58 1.98 -7.25
C ALA D 37 -6.90 2.69 -8.55
N GLN D 38 -7.17 3.99 -8.45
CA GLN D 38 -7.46 4.81 -9.62
C GLN D 38 -6.17 5.11 -10.37
N ARG D 39 -5.07 5.18 -9.63
CA ARG D 39 -3.75 5.41 -10.20
C ARG D 39 -3.25 4.14 -10.84
N TYR D 40 -3.65 3.00 -10.28
CA TYR D 40 -3.27 1.70 -10.79
C TYR D 40 -4.00 1.43 -12.10
N LEU D 41 -5.20 1.99 -12.23
CA LEU D 41 -6.01 1.82 -13.44
C LEU D 41 -5.54 2.76 -14.54
N HIS D 42 -4.98 3.91 -14.14
CA HIS D 42 -4.46 4.87 -15.11
C HIS D 42 -3.18 4.35 -15.73
N GLU D 43 -2.33 3.73 -14.90
CA GLU D 43 -1.08 3.16 -15.36
C GLU D 43 -1.34 1.82 -16.03
N LEU D 44 -2.50 1.22 -15.74
CA LEU D 44 -2.89 -0.06 -16.33
C LEU D 44 -3.37 0.17 -17.77
N ASP D 45 -3.95 1.35 -18.00
CA ASP D 45 -4.43 1.73 -19.32
C ASP D 45 -3.23 2.03 -20.21
N ALA D 46 -2.21 2.63 -19.61
CA ALA D 46 -0.97 2.95 -20.31
C ALA D 46 -0.17 1.67 -20.57
N GLN D 47 -0.39 0.67 -19.72
CA GLN D 47 0.28 -0.62 -19.83
C GLN D 47 -0.39 -1.45 -20.94
N LEU D 48 -1.65 -1.11 -21.23
CA LEU D 48 -2.42 -1.81 -22.24
C LEU D 48 -1.99 -1.40 -23.65
N LEU D 49 -1.86 -0.08 -23.86
CA LEU D 49 -1.47 0.44 -25.17
C LEU D 49 0.04 0.38 -25.39
N THR D 50 0.80 0.93 -24.44
CA THR D 50 2.27 0.94 -24.54
C THR D 50 2.84 -0.48 -24.47
N GLY D 51 2.13 -1.37 -23.76
CA GLY D 51 2.58 -2.75 -23.62
C GLY D 51 2.74 -3.47 -24.95
N GLN D 52 1.71 -3.38 -25.79
CA GLN D 52 1.74 -4.01 -27.11
C GLN D 52 2.84 -3.40 -27.99
N MET C 4 -1.88 -10.12 21.28
CA MET C 4 -2.42 -8.75 21.08
C MET C 4 -2.30 -8.32 19.62
N LYS C 5 -3.37 -7.75 19.08
CA LYS C 5 -3.39 -7.29 17.70
C LYS C 5 -2.58 -6.01 17.54
N THR C 6 -1.97 -5.82 16.38
CA THR C 6 -1.17 -4.64 16.11
C THR C 6 -1.75 -3.80 14.99
N ALA C 7 -2.53 -2.78 15.35
CA ALA C 7 -3.14 -1.90 14.37
C ALA C 7 -2.17 -0.80 13.97
N ILE C 8 -1.66 -0.88 12.74
CA ILE C 8 -0.71 0.09 12.24
C ILE C 8 -1.21 0.74 10.96
N SER C 9 -1.42 2.05 11.00
CA SER C 9 -1.91 2.79 9.84
C SER C 9 -0.81 2.97 8.79
N LEU C 10 -0.83 2.10 7.79
CA LEU C 10 0.16 2.16 6.71
C LEU C 10 -0.50 2.53 5.39
N PRO C 11 0.24 3.23 4.50
CA PRO C 11 -0.27 3.62 3.17
C PRO C 11 -0.74 2.43 2.34
N ASP C 12 -1.51 2.71 1.29
CA ASP C 12 -2.05 1.65 0.43
C ASP C 12 -0.94 0.94 -0.36
N GLU C 13 0.11 1.67 -0.71
CA GLU C 13 1.21 1.09 -1.48
C GLU C 13 2.19 0.36 -0.56
N THR C 14 2.49 0.96 0.59
CA THR C 14 3.42 0.38 1.55
C THR C 14 2.83 -0.89 2.19
N PHE C 15 1.51 -0.89 2.38
CA PHE C 15 0.82 -2.04 2.96
C PHE C 15 0.89 -3.24 2.00
N ASP C 16 0.80 -2.95 0.70
CA ASP C 16 0.88 -3.98 -0.33
C ASP C 16 2.30 -4.50 -0.45
N ARG C 17 3.26 -3.65 -0.08
CA ARG C 17 4.68 -4.00 -0.13
C ARG C 17 5.05 -4.87 1.07
N VAL C 18 4.43 -4.59 2.21
CA VAL C 18 4.68 -5.35 3.43
C VAL C 18 4.06 -6.74 3.31
N SER C 19 2.89 -6.81 2.68
CA SER C 19 2.20 -8.07 2.46
C SER C 19 2.86 -8.85 1.34
N ARG C 20 3.61 -8.12 0.50
CA ARG C 20 4.33 -8.72 -0.62
C ARG C 20 5.54 -9.48 -0.11
N ARG C 21 6.22 -8.90 0.87
CA ARG C 21 7.40 -9.52 1.47
C ARG C 21 7.00 -10.77 2.25
N ALA C 22 5.79 -10.74 2.81
CA ALA C 22 5.26 -11.87 3.56
C ALA C 22 4.95 -13.02 2.62
N SER C 23 4.53 -12.68 1.40
CA SER C 23 4.19 -13.67 0.39
C SER C 23 5.46 -14.26 -0.24
N GLU C 24 6.53 -13.47 -0.24
CA GLU C 24 7.82 -13.91 -0.78
C GLU C 24 8.46 -14.94 0.12
N LEU C 25 8.30 -14.76 1.44
CA LEU C 25 8.86 -15.68 2.42
C LEU C 25 7.99 -16.93 2.55
N GLY C 26 6.70 -16.79 2.22
CA GLY C 26 5.78 -17.91 2.30
C GLY C 26 5.04 -17.95 3.62
N MET C 27 5.07 -16.85 4.36
CA MET C 27 4.40 -16.77 5.66
C MET C 27 3.36 -15.65 5.64
N SER C 28 3.04 -15.14 6.84
CA SER C 28 2.06 -14.07 6.97
C SER C 28 2.74 -12.80 7.48
N ARG C 29 1.95 -11.78 7.78
CA ARG C 29 2.48 -10.52 8.28
C ARG C 29 2.90 -10.64 9.74
N SER C 30 2.38 -11.69 10.40
CA SER C 30 2.72 -11.94 11.80
C SER C 30 4.14 -12.47 11.91
N GLU C 31 4.50 -13.37 11.01
CA GLU C 31 5.83 -13.96 11.00
C GLU C 31 6.83 -12.98 10.40
N PHE C 32 6.35 -12.15 9.47
CA PHE C 32 7.21 -11.16 8.82
C PHE C 32 7.61 -10.06 9.80
N PHE C 33 6.64 -9.61 10.61
CA PHE C 33 6.89 -8.54 11.57
C PHE C 33 7.81 -9.03 12.70
N THR C 34 7.72 -10.32 13.02
CA THR C 34 8.56 -10.90 14.07
C THR C 34 10.01 -10.99 13.60
N LYS C 35 10.19 -11.34 12.32
CA LYS C 35 11.53 -11.45 11.74
C LYS C 35 12.07 -10.07 11.34
N ALA C 36 11.17 -9.14 11.03
CA ALA C 36 11.56 -7.80 10.62
C ALA C 36 11.98 -6.96 11.82
N ALA C 37 11.43 -7.27 12.99
CA ALA C 37 11.77 -6.54 14.21
C ALA C 37 13.15 -6.94 14.70
N GLN C 38 13.47 -8.23 14.55
CA GLN C 38 14.77 -8.75 14.98
C GLN C 38 15.84 -8.48 13.92
N ARG C 39 15.41 -8.39 12.66
CA ARG C 39 16.33 -8.12 11.55
C ARG C 39 16.63 -6.63 11.46
N TYR C 40 15.71 -5.82 11.97
CA TYR C 40 15.88 -4.36 11.96
C TYR C 40 16.96 -3.94 12.95
N LEU C 41 16.98 -4.60 14.10
CA LEU C 41 17.97 -4.28 15.14
C LEU C 41 19.28 -5.02 14.93
N HIS C 42 19.21 -6.15 14.23
CA HIS C 42 20.40 -6.96 13.95
C HIS C 42 21.22 -6.31 12.84
N GLU C 43 20.52 -5.83 11.81
CA GLU C 43 21.17 -5.20 10.68
C GLU C 43 21.49 -3.74 10.95
N LEU C 44 20.82 -3.13 11.93
CA LEU C 44 21.08 -1.75 12.30
C LEU C 44 22.34 -1.68 13.14
N ASP C 45 22.52 -2.67 14.01
CA ASP C 45 23.70 -2.77 14.86
C ASP C 45 24.91 -3.11 14.01
N ALA C 46 24.68 -3.81 12.90
CA ALA C 46 25.75 -4.20 11.99
C ALA C 46 26.23 -2.99 11.18
N GLN C 47 25.32 -2.06 10.92
CA GLN C 47 25.64 -0.84 10.18
C GLN C 47 26.30 0.18 11.11
N LEU C 48 25.86 0.18 12.37
CA LEU C 48 26.42 1.08 13.37
C LEU C 48 27.82 0.66 13.75
N LEU C 49 28.09 -0.64 13.60
CA LEU C 49 29.41 -1.21 13.90
C LEU C 49 30.42 -0.79 12.83
N THR C 50 29.92 -0.55 11.63
CA THR C 50 30.76 -0.13 10.51
C THR C 50 30.90 1.39 10.49
N GLY C 51 29.94 2.07 11.12
CA GLY C 51 29.97 3.52 11.18
C GLY C 51 30.82 4.05 12.32
N GLN C 52 31.42 3.13 13.09
CA GLN C 52 32.27 3.51 14.21
C GLN C 52 33.65 3.97 13.73
N MET D 4 -5.98 2.58 5.74
CA MET D 4 -6.10 1.18 6.13
C MET D 4 -5.05 0.80 7.17
N LYS D 5 -5.46 0.00 8.14
CA LYS D 5 -4.56 -0.45 9.20
C LYS D 5 -4.18 -1.91 8.99
N THR D 6 -3.08 -2.32 9.62
CA THR D 6 -2.61 -3.70 9.50
C THR D 6 -3.25 -4.60 10.55
N ALA D 7 -3.58 -5.81 10.14
CA ALA D 7 -4.17 -6.79 11.04
C ALA D 7 -3.16 -7.89 11.34
N ILE D 8 -2.20 -7.58 12.20
CA ILE D 8 -1.15 -8.52 12.57
C ILE D 8 -1.32 -9.07 13.97
N SER D 9 -1.20 -10.39 14.10
CA SER D 9 -1.33 -11.05 15.40
C SER D 9 0.04 -11.32 16.01
N LEU D 10 0.46 -10.45 16.94
CA LEU D 10 1.75 -10.60 17.59
C LEU D 10 1.59 -10.88 19.08
N PRO D 11 2.48 -11.72 19.66
CA PRO D 11 2.44 -12.05 21.08
C PRO D 11 2.70 -10.83 21.96
N ASP D 12 2.48 -10.97 23.27
CA ASP D 12 2.70 -9.86 24.21
C ASP D 12 4.19 -9.55 24.38
N GLU D 13 5.04 -10.55 24.11
CA GLU D 13 6.48 -10.38 24.22
C GLU D 13 7.03 -9.65 23.00
N THR D 14 6.55 -10.02 21.82
CA THR D 14 6.99 -9.40 20.57
C THR D 14 6.40 -7.99 20.45
N PHE D 15 5.22 -7.80 21.03
CA PHE D 15 4.54 -6.51 20.99
C PHE D 15 5.32 -5.49 21.83
N ASP D 16 5.90 -5.96 22.94
CA ASP D 16 6.70 -5.11 23.81
C ASP D 16 8.02 -4.74 23.12
N ARG D 17 8.54 -5.67 22.32
CA ARG D 17 9.78 -5.44 21.60
C ARG D 17 9.59 -4.40 20.50
N VAL D 18 8.45 -4.45 19.83
CA VAL D 18 8.12 -3.50 18.76
C VAL D 18 7.89 -2.10 19.33
N SER D 19 7.28 -2.04 20.52
CA SER D 19 7.01 -0.78 21.18
C SER D 19 8.31 -0.12 21.68
N ARG D 20 9.28 -0.95 22.02
CA ARG D 20 10.57 -0.47 22.49
C ARG D 20 11.42 0.03 21.33
N ARG D 21 11.35 -0.69 20.22
CA ARG D 21 12.08 -0.33 19.01
C ARG D 21 11.51 0.95 18.40
N ALA D 22 10.22 1.17 18.63
CA ALA D 22 9.53 2.37 18.14
C ALA D 22 9.93 3.58 18.96
N SER D 23 10.20 3.34 20.25
CA SER D 23 10.61 4.41 21.17
C SER D 23 12.07 4.80 20.91
N GLU D 24 12.84 3.86 20.35
CA GLU D 24 14.24 4.11 20.03
C GLU D 24 14.34 4.98 18.78
N LEU D 25 13.32 4.87 17.92
CA LEU D 25 13.25 5.64 16.69
C LEU D 25 12.78 7.07 17.00
N GLY D 26 11.97 7.18 18.05
CA GLY D 26 11.45 8.48 18.45
C GLY D 26 10.07 8.75 17.85
N MET D 27 9.51 7.71 17.23
CA MET D 27 8.19 7.81 16.59
C MET D 27 7.23 6.79 17.20
N SER D 28 6.15 6.51 16.47
CA SER D 28 5.15 5.54 16.91
C SER D 28 5.33 4.21 16.17
N ARG D 29 4.36 3.32 16.31
CA ARG D 29 4.41 2.01 15.64
C ARG D 29 4.13 2.16 14.15
N SER D 30 3.50 3.27 13.78
CA SER D 30 3.18 3.55 12.39
C SER D 30 4.41 3.97 11.59
N GLU D 31 5.13 4.96 12.11
CA GLU D 31 6.34 5.46 11.44
C GLU D 31 7.50 4.47 11.61
N PHE D 32 7.43 3.66 12.67
CA PHE D 32 8.47 2.68 12.92
C PHE D 32 8.40 1.54 11.92
N PHE D 33 7.19 1.06 11.64
CA PHE D 33 7.00 -0.04 10.69
C PHE D 33 7.30 0.41 9.26
N THR D 34 7.09 1.70 8.98
CA THR D 34 7.36 2.24 7.67
C THR D 34 8.87 2.29 7.42
N LYS D 35 9.59 2.76 8.43
CA LYS D 35 11.05 2.85 8.37
C LYS D 35 11.69 1.49 8.57
N ALA D 36 10.95 0.55 9.15
CA ALA D 36 11.47 -0.80 9.39
C ALA D 36 11.34 -1.65 8.14
N ALA D 37 10.36 -1.32 7.31
CA ALA D 37 10.14 -2.05 6.05
C ALA D 37 11.15 -1.60 5.01
N GLN D 38 11.53 -0.32 5.08
CA GLN D 38 12.49 0.25 4.15
C GLN D 38 13.92 -0.02 4.66
N ARG D 39 14.04 -0.23 5.97
CA ARG D 39 15.33 -0.54 6.58
C ARG D 39 15.63 -2.01 6.37
N TYR D 40 14.57 -2.80 6.32
CA TYR D 40 14.66 -4.23 6.10
C TYR D 40 15.08 -4.51 4.66
N LEU D 41 14.57 -3.70 3.73
CA LEU D 41 14.88 -3.86 2.31
C LEU D 41 16.23 -3.23 1.96
N HIS D 42 16.58 -2.14 2.63
CA HIS D 42 17.85 -1.47 2.39
C HIS D 42 19.02 -2.33 2.86
N GLU D 43 18.82 -2.96 4.01
CA GLU D 43 19.84 -3.82 4.60
C GLU D 43 19.79 -5.22 4.00
N LEU D 44 18.66 -5.56 3.37
CA LEU D 44 18.50 -6.86 2.73
C LEU D 44 19.29 -6.88 1.43
N ASP D 45 19.35 -5.72 0.77
CA ASP D 45 20.09 -5.58 -0.49
C ASP D 45 21.57 -5.39 -0.20
N ALA D 46 21.87 -4.75 0.93
CA ALA D 46 23.26 -4.53 1.34
C ALA D 46 23.90 -5.85 1.77
N GLN D 47 23.09 -6.71 2.37
CA GLN D 47 23.55 -8.03 2.81
C GLN D 47 23.47 -9.03 1.66
N LEU D 48 22.62 -8.72 0.68
CA LEU D 48 22.45 -9.56 -0.50
C LEU D 48 23.72 -9.52 -1.34
N LEU D 49 24.36 -8.35 -1.34
CA LEU D 49 25.60 -8.15 -2.08
C LEU D 49 26.71 -9.03 -1.50
N THR D 50 26.85 -8.99 -0.18
CA THR D 50 27.84 -9.78 0.54
C THR D 50 27.59 -11.29 0.41
N GLY D 51 26.34 -11.69 0.66
CA GLY D 51 25.97 -13.10 0.58
C GLY D 51 26.04 -13.68 -0.82
N GLN D 52 25.80 -12.84 -1.84
CA GLN D 52 25.84 -13.29 -3.22
C GLN D 52 27.23 -13.78 -3.60
N MET C 4 0.58 -2.46 13.01
CA MET C 4 -0.62 -3.31 13.21
C MET C 4 -1.61 -3.12 12.06
N LYS C 5 -2.67 -3.94 12.07
CA LYS C 5 -3.70 -3.89 11.03
C LYS C 5 -4.57 -2.64 11.18
N THR C 6 -4.74 -1.91 10.08
CA THR C 6 -5.54 -0.69 10.09
C THR C 6 -6.98 -0.97 9.69
N ALA C 7 -7.87 -0.06 10.05
CA ALA C 7 -9.29 -0.19 9.72
C ALA C 7 -9.79 1.06 9.02
N ILE C 8 -10.03 0.94 7.72
CA ILE C 8 -10.49 2.07 6.91
C ILE C 8 -11.95 1.91 6.51
N SER C 9 -12.80 2.80 6.99
CA SER C 9 -14.24 2.75 6.69
C SER C 9 -14.52 3.24 5.27
N LEU C 10 -14.87 2.30 4.39
CA LEU C 10 -15.19 2.62 3.01
C LEU C 10 -16.63 2.26 2.68
N PRO C 11 -17.22 2.90 1.65
CA PRO C 11 -18.61 2.64 1.22
C PRO C 11 -18.80 1.25 0.62
N ASP C 12 -19.97 1.05 0.00
CA ASP C 12 -20.29 -0.23 -0.62
C ASP C 12 -19.91 -0.26 -2.09
N GLU C 13 -20.09 0.87 -2.77
CA GLU C 13 -19.76 0.97 -4.20
C GLU C 13 -18.25 1.04 -4.41
N THR C 14 -17.56 1.75 -3.51
CA THR C 14 -16.11 1.89 -3.60
C THR C 14 -15.41 0.58 -3.22
N PHE C 15 -16.00 -0.14 -2.26
CA PHE C 15 -15.45 -1.41 -1.80
C PHE C 15 -15.57 -2.46 -2.89
N ASP C 16 -16.62 -2.36 -3.70
CA ASP C 16 -16.85 -3.30 -4.80
C ASP C 16 -15.82 -3.06 -5.90
N ARG C 17 -15.38 -1.82 -6.04
CA ARG C 17 -14.40 -1.45 -7.05
C ARG C 17 -12.99 -1.85 -6.61
N VAL C 18 -12.72 -1.69 -5.32
CA VAL C 18 -11.40 -2.04 -4.76
C VAL C 18 -11.18 -3.55 -4.80
N SER C 19 -12.23 -4.31 -4.47
CA SER C 19 -12.15 -5.77 -4.46
C SER C 19 -12.14 -6.33 -5.88
N ARG C 20 -12.63 -5.54 -6.84
CA ARG C 20 -12.67 -5.97 -8.23
C ARG C 20 -11.31 -5.78 -8.90
N ARG C 21 -10.68 -4.63 -8.66
CA ARG C 21 -9.38 -4.33 -9.25
C ARG C 21 -8.26 -5.05 -8.49
N ALA C 22 -8.55 -5.49 -7.26
CA ALA C 22 -7.58 -6.21 -6.46
C ALA C 22 -7.49 -7.66 -6.93
N SER C 23 -8.63 -8.16 -7.43
CA SER C 23 -8.70 -9.53 -7.94
C SER C 23 -8.27 -9.55 -9.40
N GLU C 24 -8.40 -8.40 -10.07
CA GLU C 24 -8.02 -8.24 -11.46
C GLU C 24 -6.51 -8.17 -11.61
N LEU C 25 -5.86 -7.52 -10.63
CA LEU C 25 -4.40 -7.38 -10.63
C LEU C 25 -3.74 -8.66 -10.12
N GLY C 26 -4.47 -9.43 -9.31
CA GLY C 26 -3.94 -10.67 -8.78
C GLY C 26 -3.24 -10.49 -7.44
N MET C 27 -3.61 -9.43 -6.72
CA MET C 27 -3.02 -9.15 -5.42
C MET C 27 -4.08 -9.19 -4.32
N SER C 28 -3.68 -8.83 -3.11
CA SER C 28 -4.60 -8.80 -1.98
C SER C 28 -5.03 -7.36 -1.71
N ARG C 29 -5.75 -7.14 -0.61
CA ARG C 29 -6.20 -5.79 -0.28
C ARG C 29 -5.09 -5.04 0.47
N SER C 30 -4.28 -5.81 1.21
CA SER C 30 -3.16 -5.23 1.95
C SER C 30 -2.02 -4.92 1.00
N GLU C 31 -1.88 -5.74 -0.04
CA GLU C 31 -0.84 -5.54 -1.04
C GLU C 31 -1.26 -4.45 -2.02
N PHE C 32 -2.57 -4.33 -2.22
CA PHE C 32 -3.13 -3.32 -3.11
C PHE C 32 -2.95 -1.93 -2.51
N PHE C 33 -3.08 -1.84 -1.18
CA PHE C 33 -2.92 -0.58 -0.48
C PHE C 33 -1.45 -0.16 -0.46
N THR C 34 -0.55 -1.13 -0.39
CA THR C 34 0.88 -0.87 -0.37
C THR C 34 1.35 -0.35 -1.73
N LYS C 35 0.80 -0.93 -2.79
CA LYS C 35 1.14 -0.53 -4.15
C LYS C 35 0.45 0.78 -4.51
N ALA C 36 -0.73 1.02 -3.95
CA ALA C 36 -1.49 2.23 -4.20
C ALA C 36 -1.01 3.38 -3.34
N ALA C 37 -0.18 3.08 -2.34
CA ALA C 37 0.38 4.10 -1.47
C ALA C 37 1.64 4.67 -2.08
N GLN C 38 2.37 3.82 -2.78
CA GLN C 38 3.59 4.22 -3.46
C GLN C 38 3.23 4.84 -4.80
N ARG C 39 2.15 4.33 -5.40
CA ARG C 39 1.66 4.83 -6.68
C ARG C 39 0.91 6.14 -6.46
N TYR C 40 0.57 6.39 -5.19
CA TYR C 40 -0.12 7.62 -4.82
C TYR C 40 0.87 8.79 -4.86
N LEU C 41 2.13 8.46 -4.59
CA LEU C 41 3.20 9.45 -4.61
C LEU C 41 3.65 9.68 -6.05
N HIS C 42 3.51 8.64 -6.87
CA HIS C 42 3.88 8.71 -8.28
C HIS C 42 2.83 9.48 -9.07
N GLU C 43 1.58 9.38 -8.64
CA GLU C 43 0.48 10.08 -9.30
C GLU C 43 0.44 11.53 -8.87
N LEU C 44 0.80 11.78 -7.61
CA LEU C 44 0.81 13.14 -7.07
C LEU C 44 1.97 13.94 -7.63
N ASP C 45 3.13 13.31 -7.75
CA ASP C 45 4.32 13.97 -8.28
C ASP C 45 4.18 14.20 -9.79
N ALA C 46 3.46 13.31 -10.46
CA ALA C 46 3.26 13.41 -11.90
C ALA C 46 2.22 14.48 -12.24
N GLN C 47 1.18 14.58 -11.40
CA GLN C 47 0.12 15.57 -11.62
C GLN C 47 0.60 16.98 -11.29
N LEU C 48 1.47 17.09 -10.29
CA LEU C 48 2.01 18.39 -9.88
C LEU C 48 3.04 18.89 -10.88
N LEU C 49 3.79 17.95 -11.47
CA LEU C 49 4.82 18.29 -12.45
C LEU C 49 4.19 18.67 -13.79
N THR C 50 3.06 18.04 -14.12
CA THR C 50 2.36 18.33 -15.36
C THR C 50 1.63 19.68 -15.27
N GLY C 51 1.24 20.05 -14.05
CA GLY C 51 0.55 21.31 -13.84
C GLY C 51 1.48 22.50 -13.83
N GLN C 52 2.79 22.25 -13.83
CA GLN C 52 3.78 23.32 -13.83
C GLN C 52 3.92 23.93 -15.23
N MET D 4 -18.85 -0.80 6.34
CA MET D 4 -17.78 -1.68 5.86
C MET D 4 -16.41 -1.08 6.15
N LYS D 5 -15.50 -1.91 6.62
CA LYS D 5 -14.13 -1.46 6.92
C LYS D 5 -13.11 -2.40 6.32
N THR D 6 -12.07 -1.83 5.71
CA THR D 6 -11.01 -2.61 5.09
C THR D 6 -9.87 -2.88 6.05
N ALA D 7 -9.44 -4.14 6.13
CA ALA D 7 -8.35 -4.53 7.00
C ALA D 7 -7.03 -4.56 6.25
N ILE D 8 -6.21 -3.54 6.47
CA ILE D 8 -4.92 -3.45 5.80
C ILE D 8 -3.78 -3.77 6.77
N SER D 9 -3.09 -4.88 6.51
CA SER D 9 -1.98 -5.29 7.36
C SER D 9 -0.72 -4.50 7.00
N LEU D 10 -0.43 -3.47 7.79
CA LEU D 10 0.75 -2.63 7.56
C LEU D 10 1.69 -2.66 8.75
N PRO D 11 3.02 -2.68 8.51
CA PRO D 11 4.03 -2.70 9.58
C PRO D 11 4.15 -1.33 10.27
N ASP D 12 5.35 -1.00 10.72
CA ASP D 12 5.60 0.27 11.40
C ASP D 12 6.10 1.34 10.43
N GLU D 13 6.87 0.92 9.42
CA GLU D 13 7.42 1.85 8.44
C GLU D 13 6.36 2.31 7.44
N THR D 14 5.56 1.37 6.95
CA THR D 14 4.51 1.69 5.97
C THR D 14 3.41 2.52 6.59
N PHE D 15 3.04 2.20 7.83
CA PHE D 15 1.99 2.94 8.54
C PHE D 15 2.43 4.37 8.86
N ASP D 16 3.72 4.55 9.11
CA ASP D 16 4.27 5.86 9.41
C ASP D 16 4.29 6.74 8.16
N ARG D 17 4.54 6.13 7.02
CA ARG D 17 4.58 6.85 5.75
C ARG D 17 3.19 7.19 5.26
N VAL D 18 2.23 6.30 5.51
CA VAL D 18 0.83 6.51 5.10
C VAL D 18 0.20 7.65 5.91
N SER D 19 0.56 7.72 7.19
CA SER D 19 0.05 8.75 8.09
C SER D 19 0.77 10.08 7.84
N ARG D 20 1.94 10.00 7.20
CA ARG D 20 2.71 11.20 6.89
C ARG D 20 2.16 11.90 5.66
N ARG D 21 1.84 11.12 4.61
CA ARG D 21 1.29 11.68 3.38
C ARG D 21 -0.18 12.05 3.59
N ALA D 22 -0.80 11.47 4.62
CA ALA D 22 -2.19 11.77 4.94
C ALA D 22 -2.27 13.13 5.64
N SER D 23 -1.26 13.42 6.45
CA SER D 23 -1.19 14.68 7.17
C SER D 23 -0.66 15.77 6.25
N GLU D 24 0.04 15.35 5.19
CA GLU D 24 0.60 16.26 4.21
C GLU D 24 -0.51 16.83 3.33
N LEU D 25 -1.52 16.00 3.06
CA LEU D 25 -2.66 16.39 2.25
C LEU D 25 -3.70 17.12 3.10
N GLY D 26 -3.69 16.83 4.40
CA GLY D 26 -4.63 17.47 5.32
C GLY D 26 -5.92 16.68 5.48
N MET D 27 -5.88 15.40 5.16
CA MET D 27 -7.04 14.54 5.26
C MET D 27 -6.79 13.39 6.23
N SER D 28 -7.78 12.51 6.38
CA SER D 28 -7.66 11.34 7.25
C SER D 28 -7.21 10.12 6.45
N ARG D 29 -7.17 8.97 7.09
CA ARG D 29 -6.77 7.73 6.40
C ARG D 29 -7.94 7.17 5.60
N SER D 30 -9.15 7.57 5.97
CA SER D 30 -10.35 7.14 5.27
C SER D 30 -10.48 7.89 3.95
N GLU D 31 -10.17 9.18 4.00
CA GLU D 31 -10.21 10.02 2.80
C GLU D 31 -8.94 9.78 1.99
N PHE D 32 -7.91 9.23 2.64
CA PHE D 32 -6.66 8.92 1.98
C PHE D 32 -6.85 7.77 1.01
N PHE D 33 -7.62 6.77 1.44
CA PHE D 33 -7.89 5.60 0.60
C PHE D 33 -8.86 5.97 -0.52
N THR D 34 -9.76 6.92 -0.24
CA THR D 34 -10.73 7.38 -1.24
C THR D 34 -10.00 8.09 -2.38
N LYS D 35 -8.98 8.86 -2.02
CA LYS D 35 -8.20 9.60 -3.00
C LYS D 35 -7.07 8.75 -3.57
N ALA D 36 -6.70 7.69 -2.84
CA ALA D 36 -5.65 6.79 -3.30
C ALA D 36 -6.20 5.84 -4.35
N ALA D 37 -7.49 5.55 -4.23
CA ALA D 37 -8.17 4.68 -5.18
C ALA D 37 -8.53 5.46 -6.43
N GLN D 38 -8.80 6.76 -6.25
CA GLN D 38 -9.13 7.65 -7.35
C GLN D 38 -7.86 8.00 -8.11
N ARG D 39 -6.74 8.01 -7.39
CA ARG D 39 -5.43 8.30 -7.97
C ARG D 39 -4.93 7.07 -8.71
N TYR D 40 -5.36 5.90 -8.21
CA TYR D 40 -4.98 4.63 -8.82
C TYR D 40 -5.74 4.45 -10.13
N LEU D 41 -6.96 4.99 -10.18
CA LEU D 41 -7.81 4.89 -11.37
C LEU D 41 -7.37 5.90 -12.43
N HIS D 42 -6.80 7.02 -11.98
CA HIS D 42 -6.32 8.05 -12.89
C HIS D 42 -5.05 7.57 -13.59
N GLU D 43 -4.19 6.91 -12.82
CA GLU D 43 -2.94 6.37 -13.34
C GLU D 43 -3.21 5.07 -14.09
N LEU D 44 -4.36 4.44 -13.80
CA LEU D 44 -4.75 3.21 -14.46
C LEU D 44 -5.26 3.51 -15.86
N ASP D 45 -5.86 4.69 -16.01
CA ASP D 45 -6.37 5.15 -17.29
C ASP D 45 -5.20 5.51 -18.20
N ALA D 46 -4.15 6.06 -17.57
CA ALA D 46 -2.94 6.43 -18.28
C ALA D 46 -2.14 5.18 -18.65
N GLN D 47 -2.34 4.12 -17.85
CA GLN D 47 -1.66 2.84 -18.08
C GLN D 47 -2.36 2.09 -19.22
N LEU D 48 -3.63 2.42 -19.44
CA LEU D 48 -4.43 1.80 -20.48
C LEU D 48 -4.03 2.31 -21.87
N LEU D 49 -3.90 3.63 -22.00
CA LEU D 49 -3.56 4.24 -23.29
C LEU D 49 -2.05 4.21 -23.54
N THR D 50 -1.27 4.71 -22.59
CA THR D 50 0.20 4.73 -22.71
C THR D 50 0.78 3.31 -22.74
N GLY D 51 0.10 2.38 -22.07
CA GLY D 51 0.55 1.00 -22.02
C GLY D 51 0.69 0.36 -23.41
N GLN D 52 -0.37 0.50 -24.21
CA GLN D 52 -0.37 -0.05 -25.57
C GLN D 52 0.70 0.61 -26.43
N MET C 4 -1.17 -4.20 14.56
CA MET C 4 -2.23 -3.23 14.22
C MET C 4 -2.92 -3.61 12.92
N LYS C 5 -4.07 -4.27 13.03
CA LYS C 5 -4.84 -4.69 11.86
C LYS C 5 -5.60 -3.52 11.26
N THR C 6 -5.70 -3.49 9.93
CA THR C 6 -6.38 -2.42 9.23
C THR C 6 -7.81 -2.79 8.88
N ALA C 7 -8.77 -2.04 9.43
CA ALA C 7 -10.19 -2.26 9.16
C ALA C 7 -10.67 -1.30 8.08
N ILE C 8 -10.66 -1.78 6.84
CA ILE C 8 -11.07 -0.96 5.71
C ILE C 8 -12.45 -1.33 5.20
N SER C 9 -13.31 -0.33 5.05
CA SER C 9 -14.67 -0.55 4.57
C SER C 9 -14.72 -0.49 3.04
N LEU C 10 -14.74 -1.66 2.40
CA LEU C 10 -14.80 -1.74 0.94
C LEU C 10 -16.13 -2.34 0.47
N PRO C 11 -16.57 -1.97 -0.75
CA PRO C 11 -17.82 -2.48 -1.32
C PRO C 11 -17.72 -3.96 -1.71
N ASP C 12 -18.77 -4.48 -2.35
CA ASP C 12 -18.80 -5.88 -2.77
C ASP C 12 -18.21 -6.05 -4.17
N GLU C 13 -18.34 -5.02 -5.00
CA GLU C 13 -17.82 -5.06 -6.36
C GLU C 13 -16.31 -4.90 -6.37
N THR C 14 -15.82 -4.00 -5.51
CA THR C 14 -14.39 -3.75 -5.42
C THR C 14 -13.69 -4.90 -4.70
N PHE C 15 -14.39 -5.50 -3.73
CA PHE C 15 -13.85 -6.64 -2.98
C PHE C 15 -13.68 -7.85 -3.88
N ASP C 16 -14.50 -7.93 -4.92
CA ASP C 16 -14.44 -9.03 -5.88
C ASP C 16 -13.24 -8.85 -6.79
N ARG C 17 -12.86 -7.59 -7.03
CA ARG C 17 -11.71 -7.28 -7.87
C ARG C 17 -10.42 -7.54 -7.11
N VAL C 18 -10.44 -7.30 -5.80
CA VAL C 18 -9.29 -7.51 -4.95
C VAL C 18 -9.03 -9.02 -4.78
N SER C 19 -10.12 -9.79 -4.72
CA SER C 19 -10.03 -11.23 -4.57
C SER C 19 -9.56 -11.90 -5.86
N ARG C 20 -9.85 -11.25 -6.99
CA ARG C 20 -9.45 -11.77 -8.29
C ARG C 20 -7.96 -11.53 -8.53
N ARG C 21 -7.49 -10.36 -8.11
CA ARG C 21 -6.09 -9.99 -8.27
C ARG C 21 -5.21 -10.69 -7.24
N ALA C 22 -5.79 -11.00 -6.08
CA ALA C 22 -5.06 -11.69 -5.02
C ALA C 22 -4.92 -13.17 -5.37
N SER C 23 -5.90 -13.71 -6.09
CA SER C 23 -5.88 -15.10 -6.53
C SER C 23 -5.02 -15.24 -7.78
N GLU C 24 -4.86 -14.12 -8.50
CA GLU C 24 -4.06 -14.09 -9.71
C GLU C 24 -2.58 -14.14 -9.36
N LEU C 25 -2.23 -13.51 -8.23
CA LEU C 25 -0.86 -13.48 -7.75
C LEU C 25 -0.53 -14.77 -6.98
N GLY C 26 -1.58 -15.41 -6.47
CA GLY C 26 -1.40 -16.65 -5.73
C GLY C 26 -1.10 -16.40 -4.26
N MET C 27 -1.46 -15.22 -3.78
CA MET C 27 -1.23 -14.85 -2.39
C MET C 27 -2.53 -14.43 -1.70
N SER C 28 -2.40 -13.82 -0.53
CA SER C 28 -3.57 -13.36 0.23
C SER C 28 -3.78 -11.86 0.03
N ARG C 29 -4.73 -11.29 0.77
CA ARG C 29 -5.01 -9.86 0.68
C ARG C 29 -3.95 -9.07 1.46
N SER C 30 -3.26 -9.76 2.37
CA SER C 30 -2.21 -9.14 3.17
C SER C 30 -0.97 -8.92 2.31
N GLU C 31 -0.70 -9.88 1.43
CA GLU C 31 0.45 -9.80 0.53
C GLU C 31 0.11 -8.91 -0.65
N PHE C 32 -1.19 -8.79 -0.94
CA PHE C 32 -1.67 -7.96 -2.03
C PHE C 32 -1.56 -6.49 -1.66
N PHE C 33 -1.82 -6.18 -0.39
CA PHE C 33 -1.75 -4.81 0.10
C PHE C 33 -0.29 -4.38 0.25
N THR C 34 0.60 -5.34 0.43
CA THR C 34 2.02 -5.06 0.56
C THR C 34 2.60 -4.66 -0.81
N LYS C 35 2.10 -5.32 -1.85
CA LYS C 35 2.52 -5.04 -3.21
C LYS C 35 1.84 -3.78 -3.73
N ALA C 36 0.56 -3.63 -3.39
CA ALA C 36 -0.23 -2.48 -3.83
C ALA C 36 0.22 -1.19 -3.18
N ALA C 37 0.84 -1.28 -2.00
CA ALA C 37 1.32 -0.11 -1.28
C ALA C 37 2.65 0.38 -1.84
N GLN C 38 3.43 -0.55 -2.40
CA GLN C 38 4.73 -0.20 -2.97
C GLN C 38 4.61 0.19 -4.44
N ARG C 39 3.69 -0.45 -5.16
CA ARG C 39 3.46 -0.15 -6.57
C ARG C 39 2.65 1.13 -6.74
N TYR C 40 1.91 1.49 -5.70
CA TYR C 40 1.10 2.71 -5.72
C TYR C 40 2.00 3.93 -5.52
N LEU C 41 2.98 3.79 -4.61
CA LEU C 41 3.91 4.87 -4.33
C LEU C 41 4.87 5.05 -5.50
N HIS C 42 5.05 3.98 -6.28
CA HIS C 42 5.90 4.02 -7.45
C HIS C 42 5.13 4.67 -8.61
N GLU C 43 3.81 4.59 -8.53
CA GLU C 43 2.94 5.20 -9.54
C GLU C 43 2.97 6.72 -9.39
N LEU C 44 2.97 7.19 -8.14
CA LEU C 44 3.02 8.62 -7.86
C LEU C 44 4.43 9.14 -8.11
N ASP C 45 5.42 8.24 -8.03
CA ASP C 45 6.81 8.57 -8.27
C ASP C 45 7.05 8.69 -9.77
N ALA C 46 6.29 7.92 -10.54
CA ALA C 46 6.39 7.94 -12.00
C ALA C 46 5.66 9.16 -12.55
N GLN C 47 4.66 9.63 -11.79
CA GLN C 47 3.89 10.80 -12.18
C GLN C 47 4.62 12.06 -11.74
N LEU C 48 5.69 11.88 -10.97
CA LEU C 48 6.52 12.97 -10.51
C LEU C 48 7.43 13.42 -11.65
N LEU C 49 7.71 12.48 -12.55
CA LEU C 49 8.53 12.73 -13.72
C LEU C 49 7.66 13.35 -14.83
N THR C 50 6.38 13.00 -14.79
CA THR C 50 5.40 13.50 -15.75
C THR C 50 4.93 14.90 -15.37
N GLY C 51 4.98 15.20 -14.06
CA GLY C 51 4.56 16.49 -13.56
C GLY C 51 5.57 17.59 -13.86
N GLN C 52 6.81 17.19 -14.17
CA GLN C 52 7.87 18.13 -14.48
C GLN C 52 7.73 18.66 -15.90
N MET D 4 -18.71 -4.52 3.13
CA MET D 4 -17.78 -5.59 3.44
C MET D 4 -16.51 -5.03 4.09
N LYS D 5 -16.44 -5.12 5.42
CA LYS D 5 -15.29 -4.62 6.16
C LYS D 5 -14.13 -5.60 6.08
N THR D 6 -13.04 -5.17 5.44
CA THR D 6 -11.86 -6.00 5.28
C THR D 6 -10.89 -5.83 6.45
N ALA D 7 -10.18 -6.91 6.79
CA ALA D 7 -9.22 -6.88 7.88
C ALA D 7 -7.88 -7.44 7.43
N ILE D 8 -6.89 -6.56 7.33
CA ILE D 8 -5.56 -6.97 6.90
C ILE D 8 -4.56 -6.84 8.06
N SER D 9 -3.89 -7.94 8.38
CA SER D 9 -2.92 -7.96 9.47
C SER D 9 -1.58 -7.36 9.03
N LEU D 10 -1.35 -6.12 9.45
CA LEU D 10 -0.11 -5.42 9.14
C LEU D 10 0.64 -5.04 10.42
N PRO D 11 1.98 -5.04 10.38
CA PRO D 11 2.80 -4.69 11.55
C PRO D 11 2.67 -3.21 11.91
N ASP D 12 3.21 -2.82 13.06
CA ASP D 12 3.16 -1.44 13.52
C ASP D 12 4.01 -0.51 12.64
N GLU D 13 5.02 -1.09 12.01
CA GLU D 13 5.92 -0.33 11.13
C GLU D 13 5.22 0.02 9.82
N THR D 14 4.60 -0.98 9.20
CA THR D 14 3.90 -0.79 7.94
C THR D 14 2.62 0.03 8.16
N PHE D 15 2.04 -0.09 9.36
CA PHE D 15 0.83 0.64 9.71
C PHE D 15 1.13 2.14 9.76
N ASP D 16 2.34 2.48 10.18
CA ASP D 16 2.76 3.87 10.27
C ASP D 16 2.99 4.43 8.86
N ARG D 17 3.38 3.55 7.94
CA ARG D 17 3.62 3.94 6.55
C ARG D 17 2.32 4.14 5.80
N VAL D 18 1.30 3.36 6.14
CA VAL D 18 -0.01 3.44 5.49
C VAL D 18 -0.82 4.63 6.01
N SER D 19 -0.72 4.89 7.32
CA SER D 19 -1.44 5.99 7.94
C SER D 19 -0.83 7.34 7.54
N ARG D 20 0.48 7.36 7.33
CA ARG D 20 1.18 8.57 6.94
C ARG D 20 1.05 8.83 5.43
N ARG D 21 0.95 7.75 4.67
CA ARG D 21 0.81 7.84 3.22
C ARG D 21 -0.58 8.34 2.85
N ALA D 22 -1.58 7.91 3.61
CA ALA D 22 -2.96 8.32 3.37
C ALA D 22 -3.18 9.75 3.86
N SER D 23 -2.40 10.15 4.86
CA SER D 23 -2.48 11.50 5.42
C SER D 23 -1.78 12.49 4.50
N GLU D 24 -0.81 11.99 3.74
CA GLU D 24 -0.07 12.80 2.78
C GLU D 24 -0.95 13.18 1.59
N LEU D 25 -1.87 12.28 1.25
CA LEU D 25 -2.79 12.51 0.15
C LEU D 25 -4.00 13.31 0.60
N GLY D 26 -4.28 13.26 1.91
CA GLY D 26 -5.42 13.98 2.47
C GLY D 26 -6.69 13.16 2.46
N MET D 27 -6.56 11.86 2.26
CA MET D 27 -7.71 10.97 2.22
C MET D 27 -7.67 9.98 3.39
N SER D 28 -8.67 9.11 3.45
CA SER D 28 -8.74 8.09 4.51
C SER D 28 -8.06 6.81 4.04
N ARG D 29 -8.08 5.78 4.89
CA ARG D 29 -7.48 4.50 4.54
C ARG D 29 -8.43 3.70 3.63
N SER D 30 -9.71 4.02 3.72
CA SER D 30 -10.72 3.36 2.90
C SER D 30 -10.63 3.87 1.47
N GLU D 31 -10.42 5.18 1.33
CA GLU D 31 -10.28 5.80 0.03
C GLU D 31 -8.88 5.56 -0.51
N PHE D 32 -7.95 5.26 0.40
CA PHE D 32 -6.57 4.98 0.02
C PHE D 32 -6.49 3.65 -0.70
N PHE D 33 -7.26 2.67 -0.23
CA PHE D 33 -7.28 1.35 -0.83
C PHE D 33 -7.98 1.39 -2.20
N THR D 34 -9.02 2.21 -2.29
CA THR D 34 -9.77 2.36 -3.54
C THR D 34 -8.88 2.94 -4.64
N LYS D 35 -8.14 4.00 -4.30
CA LYS D 35 -7.24 4.64 -5.25
C LYS D 35 -6.04 3.77 -5.52
N ALA D 36 -5.62 3.00 -4.51
CA ALA D 36 -4.47 2.12 -4.65
C ALA D 36 -4.78 0.91 -5.53
N ALA D 37 -6.07 0.60 -5.68
CA ALA D 37 -6.50 -0.53 -6.49
C ALA D 37 -6.60 -0.14 -7.96
N GLN D 38 -7.17 1.04 -8.24
CA GLN D 38 -7.31 1.52 -9.61
C GLN D 38 -5.97 1.97 -10.16
N ARG D 39 -5.12 2.49 -9.28
CA ARG D 39 -3.79 2.92 -9.66
C ARG D 39 -2.84 1.73 -9.73
N TYR D 40 -3.23 0.62 -9.10
CA TYR D 40 -2.46 -0.61 -9.14
C TYR D 40 -2.60 -1.22 -10.52
N LEU D 41 -3.77 -0.99 -11.13
CA LEU D 41 -4.07 -1.49 -12.48
C LEU D 41 -3.40 -0.60 -13.52
N HIS D 42 -3.19 0.66 -13.17
CA HIS D 42 -2.54 1.62 -14.06
C HIS D 42 -1.03 1.38 -14.05
N GLU D 43 -0.53 1.01 -12.87
CA GLU D 43 0.89 0.72 -12.69
C GLU D 43 1.21 -0.64 -13.28
N LEU D 44 0.25 -1.56 -13.18
CA LEU D 44 0.40 -2.90 -13.72
C LEU D 44 0.31 -2.85 -15.24
N ASP D 45 -0.43 -1.88 -15.75
CA ASP D 45 -0.59 -1.69 -17.19
C ASP D 45 0.74 -1.25 -17.79
N ALA D 46 1.47 -0.44 -17.03
CA ALA D 46 2.78 0.04 -17.45
C ALA D 46 3.79 -1.11 -17.46
N GLN D 47 3.62 -2.05 -16.53
CA GLN D 47 4.49 -3.21 -16.43
C GLN D 47 4.18 -4.20 -17.55
N LEU D 48 2.92 -4.21 -17.98
CA LEU D 48 2.46 -5.09 -19.04
C LEU D 48 3.03 -4.64 -20.39
N LEU D 49 3.17 -3.32 -20.55
CA LEU D 49 3.72 -2.74 -21.77
C LEU D 49 5.23 -2.94 -21.81
N THR D 50 5.86 -2.84 -20.63
CA THR D 50 7.30 -3.02 -20.49
C THR D 50 7.72 -4.45 -20.87
N GLY D 51 6.81 -5.40 -20.64
CA GLY D 51 7.07 -6.80 -20.95
C GLY D 51 7.40 -7.05 -22.41
N GLN D 52 6.82 -6.23 -23.29
CA GLN D 52 7.05 -6.35 -24.73
C GLN D 52 8.51 -6.12 -25.09
#